data_2PR1
#
_entry.id   2PR1
#
_cell.length_a   148.572
_cell.length_b   148.572
_cell.length_c   102.290
_cell.angle_alpha   90.00
_cell.angle_beta   90.00
_cell.angle_gamma   120.00
#
_symmetry.space_group_name_H-M   'P 63 2 2'
#
loop_
_entity.id
_entity.type
_entity.pdbx_description
1 polymer 'Uncharacterized N-acetyltransferase ylbP'
2 branched beta-D-fructofuranose-(2-1)-alpha-D-glucopyranose
3 non-polymer 'SULFATE ION'
4 non-polymer 'COENZYME A'
5 non-polymer 'COBALT (II) ION'
6 water water
#
_entity_poly.entity_id   1
_entity_poly.type   'polypeptide(L)'
_entity_poly.pdbx_seq_one_letter_code
;SNAMTKVERLLINYKTLEEFKKFKEYGIQELSMLEELQDNIIENDSTSPFYGIYFGDKLVARMSLYQVNGKSNPYFDNRQ
DYLELWKLEVLPGYQNRGYGRALVEFAKSFKMPIRTNPRMKSAEFWNKMNFKTVKYDMARDKGEDPLIWHPDMDREMTPG
ESA
;
_entity_poly.pdbx_strand_id   A,B
#
loop_
_chem_comp.id
_chem_comp.type
_chem_comp.name
_chem_comp.formula
CO non-polymer 'COBALT (II) ION' 'Co 2'
COA non-polymer 'COENZYME A' 'C21 H36 N7 O16 P3 S'
FRU D-saccharide, beta linking beta-D-fructofuranose 'C6 H12 O6'
GLC D-saccharide, alpha linking alpha-D-glucopyranose 'C6 H12 O6'
SO4 non-polymer 'SULFATE ION' 'O4 S -2'
#
# COMPACT_ATOMS: atom_id res chain seq x y z
N MET A 4 -2.75 -30.63 -8.43
CA MET A 4 -4.11 -30.50 -9.02
C MET A 4 -5.06 -29.78 -8.03
N THR A 5 -4.60 -28.63 -7.56
CA THR A 5 -5.34 -27.77 -6.62
C THR A 5 -5.81 -26.52 -7.37
N LYS A 6 -7.10 -26.49 -7.71
CA LYS A 6 -7.65 -25.44 -8.56
C LYS A 6 -8.10 -24.17 -7.86
N VAL A 7 -8.08 -23.09 -8.64
CA VAL A 7 -8.50 -21.76 -8.22
C VAL A 7 -10.00 -21.61 -8.39
N GLU A 8 -10.69 -21.15 -7.36
CA GLU A 8 -12.12 -20.91 -7.40
C GLU A 8 -12.41 -19.43 -7.16
N ARG A 9 -13.46 -18.92 -7.82
CA ARG A 9 -13.97 -17.61 -7.44
C ARG A 9 -14.68 -17.84 -6.10
N LEU A 10 -14.35 -17.03 -5.10
CA LEU A 10 -14.96 -17.16 -3.80
C LEU A 10 -16.32 -16.47 -3.70
N LEU A 11 -17.29 -17.17 -3.11
CA LEU A 11 -18.60 -16.60 -2.82
C LEU A 11 -18.62 -16.03 -1.40
N ILE A 12 -19.28 -14.89 -1.27
CA ILE A 12 -19.38 -14.17 -0.01
C ILE A 12 -20.52 -14.71 0.84
N ASN A 13 -20.19 -15.01 2.10
CA ASN A 13 -21.16 -15.44 3.11
C ASN A 13 -20.48 -15.38 4.47
N TYR A 14 -21.27 -15.42 5.54
CA TYR A 14 -20.74 -15.34 6.91
C TYR A 14 -19.61 -16.34 7.13
N LYS A 15 -19.81 -17.56 6.63
CA LYS A 15 -18.82 -18.61 6.69
C LYS A 15 -17.48 -18.18 6.08
N THR A 16 -17.51 -17.66 4.87
CA THR A 16 -16.28 -17.22 4.21
C THR A 16 -15.69 -15.97 4.86
N LEU A 17 -16.55 -15.07 5.31
CA LEU A 17 -16.08 -13.89 6.02
C LEU A 17 -15.36 -14.31 7.31
N GLU A 18 -15.83 -15.40 7.92
CA GLU A 18 -15.19 -15.99 9.09
C GLU A 18 -13.81 -16.50 8.71
N GLU A 19 -13.73 -17.16 7.56
CA GLU A 19 -12.46 -17.65 7.05
C GLU A 19 -11.48 -16.48 6.85
N PHE A 20 -11.96 -15.38 6.28
CA PHE A 20 -11.08 -14.24 6.03
C PHE A 20 -10.34 -13.70 7.26
N LYS A 21 -10.94 -13.85 8.45
CA LYS A 21 -10.34 -13.37 9.70
C LYS A 21 -9.09 -14.14 10.02
N LYS A 22 -8.92 -15.29 9.39
CA LYS A 22 -7.71 -16.07 9.59
C LYS A 22 -6.52 -15.52 8.81
N PHE A 23 -6.80 -14.63 7.86
CA PHE A 23 -5.75 -13.98 7.08
C PHE A 23 -5.28 -12.71 7.74
N LYS A 24 -4.01 -12.39 7.53
CA LYS A 24 -3.35 -11.28 8.18
C LYS A 24 -3.73 -9.96 7.51
N GLU A 25 -3.75 -9.97 6.18
CA GLU A 25 -4.09 -8.78 5.39
C GLU A 25 -5.59 -8.57 5.33
N TYR A 26 -6.15 -8.32 6.52
CA TYR A 26 -7.56 -8.08 6.72
C TYR A 26 -7.72 -6.59 6.99
N GLY A 27 -8.79 -5.99 6.46
CA GLY A 27 -8.99 -4.54 6.59
C GLY A 27 -10.41 -4.10 6.25
N ILE A 28 -10.52 -2.93 5.63
CA ILE A 28 -11.85 -2.36 5.40
C ILE A 28 -12.66 -3.06 4.29
N GLN A 29 -11.98 -3.59 3.29
CA GLN A 29 -12.65 -4.36 2.26
C GLN A 29 -13.51 -5.43 2.94
N GLU A 30 -12.91 -6.15 3.89
CA GLU A 30 -13.62 -7.19 4.63
C GLU A 30 -14.75 -6.61 5.46
N LEU A 31 -14.48 -5.50 6.12
CA LEU A 31 -15.50 -4.89 6.97
C LEU A 31 -16.73 -4.46 6.18
N SER A 32 -16.49 -3.86 5.01
CA SER A 32 -17.57 -3.40 4.15
C SER A 32 -18.31 -4.56 3.54
N MET A 33 -17.59 -5.61 3.16
CA MET A 33 -18.23 -6.80 2.60
C MET A 33 -19.30 -7.29 3.58
N LEU A 34 -18.89 -7.44 4.84
CA LEU A 34 -19.80 -7.81 5.93
C LEU A 34 -20.98 -6.85 6.02
N GLU A 35 -20.71 -5.55 5.98
CA GLU A 35 -21.77 -4.55 6.05
C GLU A 35 -22.75 -4.69 4.89
N GLU A 36 -22.25 -4.94 3.69
CA GLU A 36 -23.12 -5.10 2.52
C GLU A 36 -24.01 -6.32 2.67
N LEU A 37 -23.43 -7.39 3.22
CA LEU A 37 -24.16 -8.63 3.44
C LEU A 37 -25.30 -8.50 4.44
N GLN A 38 -25.03 -7.87 5.59
CA GLN A 38 -26.08 -7.67 6.59
C GLN A 38 -27.17 -6.65 6.20
N ASP A 39 -26.85 -5.81 5.22
CA ASP A 39 -27.82 -4.82 4.72
C ASP A 39 -28.70 -5.32 3.56
N ASN A 40 -28.20 -6.30 2.82
CA ASN A 40 -28.91 -6.85 1.68
C ASN A 40 -28.74 -8.36 1.59
N ILE A 41 -29.73 -9.10 2.09
CA ILE A 41 -29.70 -10.57 2.08
C ILE A 41 -29.46 -11.15 0.69
N ILE A 42 -30.06 -10.51 -0.31
CA ILE A 42 -29.93 -10.93 -1.70
C ILE A 42 -28.47 -11.07 -2.12
N GLU A 43 -27.52 -10.68 -1.27
CA GLU A 43 -26.14 -10.87 -1.68
C GLU A 43 -25.33 -11.81 -0.80
N ASN A 44 -26.08 -12.72 -0.19
CA ASN A 44 -25.52 -13.88 0.46
C ASN A 44 -25.24 -14.84 -0.68
N ASP A 45 -24.07 -15.45 -0.66
CA ASP A 45 -23.64 -16.35 -1.71
C ASP A 45 -23.48 -15.65 -3.06
N SER A 46 -23.01 -14.41 -3.01
CA SER A 46 -22.70 -13.64 -4.21
C SER A 46 -21.19 -13.71 -4.43
N THR A 47 -20.72 -13.25 -5.58
CA THR A 47 -19.29 -13.28 -5.89
C THR A 47 -18.60 -11.98 -5.51
N SER A 48 -17.26 -11.99 -5.45
CA SER A 48 -16.48 -10.81 -5.07
C SER A 48 -15.21 -10.69 -5.92
N PRO A 49 -14.29 -9.76 -5.57
CA PRO A 49 -13.07 -9.70 -6.36
C PRO A 49 -12.10 -10.80 -5.98
N PHE A 50 -12.47 -11.62 -5.00
CA PHE A 50 -11.59 -12.68 -4.52
C PHE A 50 -11.68 -14.00 -5.26
N TYR A 51 -10.52 -14.63 -5.44
CA TYR A 51 -10.37 -15.98 -5.91
C TYR A 51 -9.55 -16.66 -4.82
N GLY A 52 -9.74 -17.97 -4.66
CA GLY A 52 -9.01 -18.68 -3.61
C GLY A 52 -8.84 -20.15 -3.87
N ILE A 53 -8.13 -20.83 -2.97
CA ILE A 53 -7.94 -22.28 -3.08
C ILE A 53 -8.33 -22.93 -1.75
N TYR A 54 -8.96 -24.10 -1.85
CA TYR A 54 -9.44 -24.83 -0.69
C TYR A 54 -8.74 -26.15 -0.54
N PHE A 55 -8.32 -26.46 0.68
CA PHE A 55 -7.83 -27.78 0.99
C PHE A 55 -8.93 -28.32 1.89
N GLY A 56 -9.43 -29.51 1.57
CA GLY A 56 -10.59 -30.03 2.25
C GLY A 56 -11.69 -29.02 2.00
N ASP A 57 -12.19 -28.40 3.05
CA ASP A 57 -13.22 -27.36 2.91
C ASP A 57 -12.79 -26.07 3.58
N LYS A 58 -11.53 -26.03 4.03
CA LYS A 58 -10.96 -24.81 4.60
C LYS A 58 -10.35 -23.94 3.51
N LEU A 59 -10.71 -22.66 3.50
CA LEU A 59 -10.09 -21.71 2.60
C LEU A 59 -8.66 -21.57 3.07
N VAL A 60 -7.71 -21.74 2.17
CA VAL A 60 -6.33 -21.85 2.58
C VAL A 60 -5.41 -20.79 1.97
N ALA A 61 -5.88 -20.16 0.90
CA ALA A 61 -5.14 -19.13 0.18
C ALA A 61 -6.08 -18.29 -0.70
N ARG A 62 -5.87 -16.98 -0.70
CA ARG A 62 -6.74 -16.07 -1.47
C ARG A 62 -5.95 -14.98 -2.22
N MET A 63 -6.67 -14.20 -3.02
CA MET A 63 -6.14 -13.15 -3.88
C MET A 63 -7.33 -12.35 -4.39
N SER A 64 -7.19 -11.04 -4.43
CA SER A 64 -8.24 -10.14 -4.86
C SER A 64 -7.82 -9.53 -6.19
N LEU A 65 -8.76 -9.43 -7.13
CA LEU A 65 -8.45 -8.94 -8.48
C LEU A 65 -9.42 -7.92 -9.02
N TYR A 66 -8.88 -6.90 -9.67
CA TYR A 66 -9.66 -5.84 -10.27
C TYR A 66 -8.94 -5.21 -11.45
N GLN A 67 -9.64 -5.04 -12.56
CA GLN A 67 -9.09 -4.37 -13.74
C GLN A 67 -9.13 -2.85 -13.61
N VAL A 68 -7.94 -2.25 -13.68
CA VAL A 68 -7.76 -0.83 -13.51
C VAL A 68 -7.69 -0.07 -14.82
N ASN A 69 -8.18 1.16 -14.81
CA ASN A 69 -8.11 2.03 -15.98
C ASN A 69 -6.72 2.62 -16.17
N GLY A 70 -5.97 2.02 -17.08
CA GLY A 70 -4.58 2.39 -17.32
C GLY A 70 -4.33 3.77 -17.88
N LYS A 71 -5.41 4.47 -18.26
CA LYS A 71 -5.33 5.80 -18.85
C LYS A 71 -4.86 6.83 -17.84
N SER A 72 -5.32 6.65 -16.60
CA SER A 72 -4.97 7.53 -15.51
C SER A 72 -4.11 6.83 -14.45
N ASN A 73 -3.56 5.68 -14.80
CA ASN A 73 -2.58 4.99 -13.96
C ASN A 73 -1.40 4.54 -14.82
N PRO A 74 -0.49 5.49 -15.16
CA PRO A 74 0.55 5.24 -16.17
C PRO A 74 1.64 4.26 -15.73
N TYR A 75 1.37 2.96 -15.89
CA TYR A 75 2.35 1.94 -15.53
C TYR A 75 2.89 1.20 -16.74
N PHE A 76 2.05 0.97 -17.73
CA PHE A 76 2.45 0.17 -18.89
C PHE A 76 2.58 0.93 -20.20
N ASP A 77 3.02 0.23 -21.23
CA ASP A 77 3.20 0.80 -22.56
C ASP A 77 1.95 1.51 -23.06
N ASN A 78 2.15 2.74 -23.51
CA ASN A 78 1.09 3.67 -23.88
C ASN A 78 -0.28 3.49 -23.18
N ARG A 79 -0.20 3.43 -21.85
CA ARG A 79 -1.35 3.48 -20.94
C ARG A 79 -2.44 2.41 -21.07
N GLN A 80 -2.05 1.14 -21.19
CA GLN A 80 -3.04 0.05 -21.28
C GLN A 80 -3.54 -0.37 -19.90
N ASP A 81 -4.75 -0.91 -19.84
CA ASP A 81 -5.36 -1.38 -18.59
C ASP A 81 -4.62 -2.59 -18.10
N TYR A 82 -4.62 -2.77 -16.78
CA TYR A 82 -3.95 -3.90 -16.15
C TYR A 82 -4.75 -4.34 -14.94
N LEU A 83 -4.48 -5.54 -14.45
CA LEU A 83 -5.14 -6.06 -13.26
C LEU A 83 -4.38 -5.74 -11.99
N GLU A 84 -5.06 -5.12 -11.04
CA GLU A 84 -4.49 -4.90 -9.72
C GLU A 84 -4.75 -6.17 -8.93
N LEU A 85 -3.67 -6.70 -8.36
CA LEU A 85 -3.70 -7.94 -7.63
C LEU A 85 -3.35 -7.60 -6.20
N TRP A 86 -4.20 -7.99 -5.26
CA TRP A 86 -3.87 -7.76 -3.87
C TRP A 86 -4.39 -8.82 -2.93
N LYS A 87 -3.97 -8.69 -1.67
CA LYS A 87 -4.29 -9.61 -0.59
C LYS A 87 -3.85 -11.05 -0.86
N LEU A 88 -2.84 -11.23 -1.71
CA LEU A 88 -2.34 -12.56 -1.99
C LEU A 88 -1.74 -13.15 -0.71
N GLU A 89 -2.40 -14.16 -0.17
CA GLU A 89 -1.94 -14.76 1.08
C GLU A 89 -2.33 -16.23 1.18
N VAL A 90 -1.43 -16.99 1.80
CA VAL A 90 -1.59 -18.41 2.06
C VAL A 90 -1.39 -18.59 3.56
N LEU A 91 -2.30 -19.31 4.21
CA LEU A 91 -2.24 -19.52 5.66
C LEU A 91 -1.03 -20.38 6.00
N PRO A 92 -0.52 -20.28 7.25
CA PRO A 92 0.63 -21.07 7.70
C PRO A 92 0.33 -22.56 7.64
N GLY A 93 1.33 -23.35 7.33
CA GLY A 93 1.14 -24.79 7.20
C GLY A 93 0.76 -25.22 5.80
N TYR A 94 0.67 -24.25 4.88
CA TYR A 94 0.28 -24.51 3.50
C TYR A 94 1.09 -23.70 2.48
N GLN A 95 2.13 -23.02 2.98
CA GLN A 95 3.01 -22.19 2.16
C GLN A 95 4.05 -23.08 1.46
N ASN A 96 4.72 -22.51 0.47
CA ASN A 96 5.76 -23.19 -0.31
C ASN A 96 5.27 -24.43 -1.07
N ARG A 97 3.97 -24.70 -0.95
CA ARG A 97 3.34 -25.84 -1.61
C ARG A 97 2.74 -25.46 -2.97
N GLY A 98 2.97 -24.23 -3.41
CA GLY A 98 2.55 -23.84 -4.75
C GLY A 98 1.17 -23.23 -4.93
N TYR A 99 0.48 -22.97 -3.82
CA TYR A 99 -0.85 -22.34 -3.89
C TYR A 99 -0.77 -20.91 -4.38
N GLY A 100 0.27 -20.18 -3.94
CA GLY A 100 0.45 -18.79 -4.35
C GLY A 100 0.75 -18.72 -5.83
N ARG A 101 1.73 -19.51 -6.26
CA ARG A 101 2.10 -19.59 -7.68
C ARG A 101 0.87 -19.94 -8.54
N ALA A 102 0.03 -20.84 -8.04
CA ALA A 102 -1.19 -21.23 -8.73
C ALA A 102 -2.15 -20.06 -8.85
N LEU A 103 -2.30 -19.30 -7.77
CA LEU A 103 -3.16 -18.12 -7.79
C LEU A 103 -2.61 -17.11 -8.78
N VAL A 104 -1.30 -16.88 -8.72
CA VAL A 104 -0.66 -15.95 -9.63
C VAL A 104 -0.88 -16.37 -11.08
N GLU A 105 -0.41 -17.55 -11.46
CA GLU A 105 -0.57 -17.96 -12.85
C GLU A 105 -2.03 -17.86 -13.29
N PHE A 106 -2.95 -17.97 -12.35
CA PHE A 106 -4.37 -17.81 -12.71
C PHE A 106 -4.60 -16.39 -13.22
N ALA A 107 -4.09 -15.41 -12.46
CA ALA A 107 -4.19 -14.01 -12.82
C ALA A 107 -3.57 -13.78 -14.20
N LYS A 108 -2.41 -14.41 -14.42
CA LYS A 108 -1.72 -14.34 -15.70
C LYS A 108 -2.51 -14.94 -16.88
N SER A 109 -3.44 -15.84 -16.60
CA SER A 109 -4.21 -16.51 -17.65
C SER A 109 -5.13 -15.53 -18.37
N PHE A 110 -5.32 -14.35 -17.78
CA PHE A 110 -6.12 -13.30 -18.40
C PHE A 110 -5.36 -12.63 -19.53
N LYS A 111 -4.06 -12.87 -19.62
CA LYS A 111 -3.21 -12.31 -20.67
C LYS A 111 -3.21 -10.79 -20.64
N MET A 112 -3.28 -10.24 -19.44
CA MET A 112 -3.25 -8.80 -19.19
C MET A 112 -2.08 -8.46 -18.28
N PRO A 113 -1.51 -7.26 -18.44
CA PRO A 113 -0.49 -6.80 -17.50
C PRO A 113 -1.01 -6.79 -16.05
N ILE A 114 -0.11 -6.96 -15.09
CA ILE A 114 -0.50 -7.03 -13.68
C ILE A 114 0.37 -6.10 -12.81
N ARG A 115 -0.26 -5.37 -11.90
CA ARG A 115 0.47 -4.56 -10.92
C ARG A 115 0.15 -5.09 -9.55
N THR A 116 1.17 -5.12 -8.68
CA THR A 116 0.97 -5.54 -7.29
C THR A 116 1.87 -4.77 -6.32
N ASN A 117 1.37 -4.54 -5.12
CA ASN A 117 2.15 -3.88 -4.10
C ASN A 117 2.34 -4.83 -2.94
N PRO A 118 3.45 -5.58 -2.95
CA PRO A 118 3.72 -6.71 -2.08
C PRO A 118 4.12 -6.36 -0.66
N ARG A 119 4.46 -7.39 0.10
CA ARG A 119 5.08 -7.25 1.41
C ARG A 119 6.60 -7.22 1.19
N MET A 120 7.30 -6.47 2.03
CA MET A 120 8.76 -6.34 1.87
C MET A 120 9.50 -7.66 2.09
N LYS A 121 9.01 -8.47 3.01
CA LYS A 121 9.69 -9.73 3.34
C LYS A 121 9.15 -10.93 2.55
N SER A 122 8.87 -10.69 1.27
CA SER A 122 8.39 -11.72 0.35
C SER A 122 8.65 -11.27 -1.08
N ALA A 123 9.80 -10.64 -1.29
CA ALA A 123 10.18 -10.13 -2.60
C ALA A 123 10.79 -11.24 -3.45
N GLU A 124 11.36 -12.25 -2.80
CA GLU A 124 11.93 -13.36 -3.55
C GLU A 124 10.83 -14.15 -4.27
N PHE A 125 9.69 -14.32 -3.59
CA PHE A 125 8.56 -15.00 -4.21
C PHE A 125 8.16 -14.33 -5.53
N TRP A 126 8.11 -13.00 -5.53
CA TRP A 126 7.74 -12.25 -6.73
C TRP A 126 8.81 -12.27 -7.80
N ASN A 127 10.06 -12.42 -7.37
CA ASN A 127 11.17 -12.55 -8.29
C ASN A 127 10.87 -13.77 -9.14
N LYS A 128 10.49 -14.86 -8.46
CA LYS A 128 10.14 -16.12 -9.11
C LYS A 128 8.94 -15.94 -10.04
N MET A 129 7.91 -15.23 -9.60
CA MET A 129 6.74 -15.01 -10.44
C MET A 129 7.10 -14.16 -11.66
N ASN A 130 8.34 -13.69 -11.68
CA ASN A 130 8.91 -12.91 -12.79
C ASN A 130 8.27 -11.53 -12.90
N PHE A 131 8.04 -10.89 -11.77
CA PHE A 131 7.59 -9.51 -11.73
C PHE A 131 8.81 -8.63 -11.60
N LYS A 132 8.74 -7.41 -12.12
CA LYS A 132 9.86 -6.47 -12.06
C LYS A 132 9.50 -5.18 -11.37
N THR A 133 10.49 -4.59 -10.70
CA THR A 133 10.29 -3.31 -10.02
C THR A 133 10.03 -2.24 -11.05
N VAL A 134 9.13 -1.33 -10.73
CA VAL A 134 8.89 -0.18 -11.57
C VAL A 134 10.04 0.82 -11.38
N LYS A 135 10.13 1.78 -12.29
CA LYS A 135 11.03 2.91 -12.04
C LYS A 135 10.22 3.85 -11.19
N TYR A 136 10.76 4.19 -10.03
CA TYR A 136 10.04 5.01 -9.08
C TYR A 136 9.63 6.37 -9.64
N ASP A 137 8.36 6.73 -9.45
CA ASP A 137 7.83 8.02 -9.85
C ASP A 137 7.09 8.54 -8.62
N MET A 138 7.77 9.44 -7.89
CA MET A 138 7.24 9.96 -6.63
C MET A 138 5.81 10.46 -6.71
N ALA A 139 5.46 11.12 -7.81
CA ALA A 139 4.12 11.64 -7.99
C ALA A 139 3.12 10.52 -8.25
N ARG A 140 3.56 9.47 -8.94
CA ARG A 140 2.68 8.34 -9.25
C ARG A 140 2.65 7.30 -8.13
N ASP A 141 3.83 6.95 -7.62
CA ASP A 141 3.98 5.84 -6.69
C ASP A 141 3.83 6.14 -5.20
N LYS A 142 4.18 7.36 -4.80
CA LYS A 142 3.96 7.87 -3.43
C LYS A 142 4.07 6.81 -2.33
N GLY A 143 5.24 6.24 -2.11
CA GLY A 143 5.35 5.30 -1.00
C GLY A 143 4.71 3.93 -1.14
N GLU A 144 4.49 3.53 -2.39
CA GLU A 144 4.23 2.14 -2.71
C GLU A 144 5.56 1.67 -3.30
N ASP A 145 5.72 0.36 -3.47
CA ASP A 145 6.89 -0.18 -4.15
C ASP A 145 6.36 -1.14 -5.18
N PRO A 146 5.66 -0.62 -6.21
CA PRO A 146 4.97 -1.51 -7.13
C PRO A 146 5.85 -2.44 -7.98
N LEU A 147 5.33 -3.64 -8.19
CA LEU A 147 5.91 -4.65 -9.05
C LEU A 147 4.97 -4.80 -10.23
N ILE A 148 5.54 -5.02 -11.42
CA ILE A 148 4.73 -5.25 -12.63
C ILE A 148 5.08 -6.51 -13.42
N TRP A 149 4.15 -6.92 -14.28
CA TRP A 149 4.30 -8.06 -15.19
C TRP A 149 3.40 -7.84 -16.40
N HIS A 150 3.85 -8.28 -17.56
CA HIS A 150 3.02 -8.29 -18.76
C HIS A 150 3.34 -9.46 -19.69
N PRO A 151 2.38 -9.87 -20.55
CA PRO A 151 2.63 -10.96 -21.47
C PRO A 151 3.93 -10.77 -22.22
N ASP A 152 4.60 -11.88 -22.56
CA ASP A 152 5.94 -11.87 -23.14
C ASP A 152 6.96 -11.58 -22.05
N MET A 153 6.69 -12.18 -20.88
CA MET A 153 7.61 -12.22 -19.74
C MET A 153 7.61 -13.67 -19.18
N ASP A 154 6.64 -13.98 -18.31
CA ASP A 154 6.53 -15.32 -17.73
C ASP A 154 5.09 -15.82 -17.68
N ARG A 155 4.68 -16.55 -18.73
CA ARG A 155 3.32 -17.08 -18.90
C ARG A 155 2.54 -17.47 -17.63
N THR B 5 7.12 21.12 18.62
CA THR B 5 7.83 20.17 17.70
C THR B 5 9.22 20.70 17.26
N LYS B 6 10.11 19.77 16.86
CA LYS B 6 11.47 20.08 16.38
C LYS B 6 11.61 19.57 14.94
N VAL B 7 10.53 19.63 14.16
CA VAL B 7 10.47 19.05 12.80
C VAL B 7 11.38 19.79 11.83
N GLU B 8 11.85 19.09 10.81
CA GLU B 8 12.89 19.59 9.95
C GLU B 8 12.87 18.95 8.55
N ARG B 9 13.05 19.78 7.53
CA ARG B 9 13.15 19.31 6.15
C ARG B 9 14.46 18.55 5.97
N LEU B 10 14.37 17.28 5.60
CA LEU B 10 15.57 16.47 5.42
C LEU B 10 16.16 16.73 4.05
N LEU B 11 17.50 16.83 4.03
CA LEU B 11 18.25 17.09 2.79
C LEU B 11 18.86 15.79 2.29
N ILE B 12 18.73 15.55 0.99
CA ILE B 12 19.31 14.35 0.41
C ILE B 12 20.83 14.46 0.32
N ASN B 13 21.50 13.47 0.90
CA ASN B 13 22.95 13.29 0.82
C ASN B 13 23.29 11.92 1.38
N TYR B 14 24.45 11.37 0.99
CA TYR B 14 24.84 10.02 1.39
C TYR B 14 24.67 9.82 2.88
N LYS B 15 25.03 10.84 3.64
CA LYS B 15 24.90 10.81 5.10
C LYS B 15 23.48 10.47 5.53
N THR B 16 22.50 11.25 5.13
CA THR B 16 21.14 10.98 5.59
C THR B 16 20.51 9.80 4.87
N LEU B 17 20.95 9.53 3.64
CA LEU B 17 20.45 8.37 2.93
C LEU B 17 20.89 7.11 3.64
N GLU B 18 22.05 7.17 4.28
CA GLU B 18 22.57 6.06 5.07
C GLU B 18 21.68 5.89 6.30
N GLU B 19 21.33 7.01 6.92
CA GLU B 19 20.49 6.97 8.11
C GLU B 19 19.12 6.37 7.83
N PHE B 20 18.66 6.52 6.58
CA PHE B 20 17.39 5.95 6.17
C PHE B 20 17.37 4.44 6.32
N LYS B 21 18.51 3.81 6.07
CA LYS B 21 18.59 2.35 6.12
C LYS B 21 18.28 1.80 7.50
N LYS B 22 18.24 2.68 8.50
CA LYS B 22 17.91 2.29 9.86
C LYS B 22 16.38 2.12 10.00
N PHE B 23 15.63 2.73 9.09
CA PHE B 23 14.16 2.67 9.13
C PHE B 23 13.61 1.49 8.35
N LYS B 24 12.55 0.84 8.87
CA LYS B 24 12.01 -0.36 8.24
C LYS B 24 11.28 -0.14 6.92
N GLU B 25 10.43 0.90 6.85
CA GLU B 25 9.69 1.21 5.61
C GLU B 25 10.64 1.80 4.54
N TYR B 26 11.69 1.04 4.24
CA TYR B 26 12.73 1.42 3.27
C TYR B 26 12.52 0.67 1.97
N GLY B 27 12.38 1.42 0.88
CA GLY B 27 12.12 0.80 -0.43
C GLY B 27 12.74 1.45 -1.65
N ILE B 28 11.97 1.47 -2.73
CA ILE B 28 12.46 1.94 -4.04
C ILE B 28 12.65 3.46 -4.06
N GLN B 29 11.92 4.15 -3.19
CA GLN B 29 12.01 5.59 -3.14
C GLN B 29 13.45 5.96 -2.85
N GLU B 30 13.95 5.44 -1.72
CA GLU B 30 15.32 5.67 -1.26
C GLU B 30 16.31 5.19 -2.31
N LEU B 31 16.08 3.99 -2.84
CA LEU B 31 16.90 3.42 -3.88
C LEU B 31 17.00 4.34 -5.09
N SER B 32 15.88 4.90 -5.53
CA SER B 32 15.89 5.83 -6.66
C SER B 32 16.75 7.04 -6.32
N MET B 33 16.54 7.58 -5.13
CA MET B 33 17.26 8.77 -4.65
C MET B 33 18.78 8.52 -4.63
N LEU B 34 19.19 7.37 -4.12
CA LEU B 34 20.61 7.06 -4.03
C LEU B 34 21.29 7.09 -5.39
N GLU B 35 20.73 6.39 -6.38
CA GLU B 35 21.33 6.41 -7.72
C GLU B 35 21.22 7.77 -8.38
N GLU B 36 20.08 8.44 -8.23
CA GLU B 36 19.92 9.78 -8.79
C GLU B 36 21.01 10.70 -8.27
N LEU B 37 21.33 10.54 -6.99
CA LEU B 37 22.40 11.32 -6.37
C LEU B 37 23.74 10.94 -6.97
N GLN B 38 24.05 9.64 -6.94
CA GLN B 38 25.35 9.18 -7.38
C GLN B 38 25.55 9.22 -8.90
N ASP B 39 24.46 9.18 -9.66
CA ASP B 39 24.55 9.29 -11.11
C ASP B 39 24.44 10.77 -11.50
N ASN B 40 24.48 11.64 -10.50
CA ASN B 40 24.56 13.08 -10.66
C ASN B 40 23.29 13.76 -11.19
N ILE B 41 22.17 13.04 -11.19
CA ILE B 41 20.88 13.60 -11.62
C ILE B 41 20.46 14.76 -10.71
N ILE B 42 20.29 14.46 -9.42
CA ILE B 42 19.99 15.47 -8.40
C ILE B 42 21.28 16.03 -7.80
N GLU B 43 21.17 17.11 -7.04
CA GLU B 43 22.35 17.73 -6.42
C GLU B 43 22.48 17.33 -4.97
N ASN B 44 23.72 17.34 -4.47
CA ASN B 44 24.00 17.06 -3.09
C ASN B 44 23.32 18.12 -2.23
N ASP B 45 22.62 17.67 -1.19
CA ASP B 45 21.90 18.58 -0.28
C ASP B 45 20.63 19.17 -0.88
N SER B 46 20.05 18.48 -1.87
CA SER B 46 18.79 18.96 -2.45
C SER B 46 17.66 18.52 -1.53
N THR B 47 16.50 19.18 -1.63
CA THR B 47 15.37 18.86 -0.75
C THR B 47 14.62 17.62 -1.23
N SER B 48 13.63 17.21 -0.44
CA SER B 48 12.89 15.97 -0.70
C SER B 48 11.52 16.06 -0.07
N PRO B 49 10.63 15.11 -0.39
CA PRO B 49 9.36 15.10 0.33
C PRO B 49 9.49 14.65 1.80
N PHE B 50 10.71 14.40 2.26
CA PHE B 50 10.91 13.95 3.63
C PHE B 50 11.07 15.10 4.60
N TYR B 51 10.48 14.89 5.76
CA TYR B 51 10.66 15.75 6.92
C TYR B 51 11.02 14.80 8.05
N GLY B 52 11.77 15.30 9.04
CA GLY B 52 12.21 14.43 10.13
C GLY B 52 12.61 15.10 11.42
N ILE B 53 12.89 14.32 12.46
CA ILE B 53 13.32 14.91 13.74
C ILE B 53 14.58 14.20 14.23
N TYR B 54 15.60 14.99 14.53
CA TYR B 54 16.87 14.48 15.03
C TYR B 54 16.92 14.50 16.55
N PHE B 55 17.70 13.58 17.11
CA PHE B 55 18.07 13.58 18.54
C PHE B 55 19.57 13.43 18.54
N GLY B 56 20.29 14.48 18.94
CA GLY B 56 21.73 14.52 18.70
C GLY B 56 21.86 14.65 17.19
N ASP B 57 22.93 14.14 16.61
CA ASP B 57 23.00 14.13 15.15
C ASP B 57 22.44 12.82 14.58
N LYS B 58 21.58 12.16 15.35
CA LYS B 58 20.92 10.92 14.93
C LYS B 58 19.51 11.19 14.47
N LEU B 59 19.21 10.83 13.22
CA LEU B 59 17.85 10.94 12.71
C LEU B 59 16.98 9.88 13.37
N VAL B 60 15.99 10.35 14.12
CA VAL B 60 15.16 9.48 14.93
C VAL B 60 13.76 9.18 14.37
N ALA B 61 13.14 10.16 13.70
CA ALA B 61 11.84 9.97 13.03
C ALA B 61 11.71 10.72 11.70
N ARG B 62 10.88 10.21 10.79
CA ARG B 62 10.73 10.78 9.45
C ARG B 62 9.36 10.50 8.85
N MET B 63 8.94 11.37 7.91
CA MET B 63 7.75 11.10 7.09
C MET B 63 7.95 11.71 5.73
N SER B 64 7.27 11.15 4.75
CA SER B 64 7.31 11.68 3.42
C SER B 64 5.95 12.33 3.18
N LEU B 65 5.96 13.61 2.88
CA LEU B 65 4.74 14.39 2.72
C LEU B 65 4.71 14.99 1.31
N TYR B 66 3.59 14.85 0.58
CA TYR B 66 3.51 15.38 -0.79
C TYR B 66 2.13 15.85 -1.22
N GLN B 67 2.04 17.05 -1.78
CA GLN B 67 0.76 17.59 -2.23
C GLN B 67 0.26 16.87 -3.48
N VAL B 68 -0.93 16.28 -3.36
CA VAL B 68 -1.53 15.45 -4.39
C VAL B 68 -2.67 16.16 -5.08
N ASN B 69 -2.83 15.89 -6.38
CA ASN B 69 -3.88 16.48 -7.19
C ASN B 69 -5.25 15.78 -7.01
N GLY B 70 -6.14 16.41 -6.25
CA GLY B 70 -7.46 15.85 -5.90
C GLY B 70 -8.47 15.67 -7.02
N LYS B 71 -8.12 16.12 -8.22
CA LYS B 71 -8.96 15.93 -9.39
C LYS B 71 -9.04 14.43 -9.66
N SER B 72 -7.87 13.81 -9.79
CA SER B 72 -7.74 12.39 -10.07
C SER B 72 -7.63 11.52 -8.80
N ASN B 73 -7.99 12.12 -7.68
CA ASN B 73 -8.01 11.42 -6.40
C ASN B 73 -9.19 11.89 -5.55
N PRO B 74 -10.36 11.28 -5.78
CA PRO B 74 -11.59 11.69 -5.13
C PRO B 74 -11.70 11.23 -3.68
N TYR B 75 -10.91 11.83 -2.80
CA TYR B 75 -10.97 11.43 -1.39
C TYR B 75 -11.69 12.42 -0.50
N PHE B 76 -11.83 13.67 -0.95
CA PHE B 76 -12.44 14.70 -0.14
C PHE B 76 -13.52 15.45 -0.87
N ASP B 77 -14.33 16.19 -0.11
CA ASP B 77 -15.40 17.00 -0.66
C ASP B 77 -14.89 17.98 -1.70
N ASN B 78 -15.70 18.16 -2.74
CA ASN B 78 -15.40 19.07 -3.84
C ASN B 78 -13.99 18.85 -4.43
N ARG B 79 -13.65 17.55 -4.54
CA ARG B 79 -12.39 17.07 -5.13
C ARG B 79 -11.16 17.97 -4.96
N GLN B 80 -11.04 18.60 -3.79
CA GLN B 80 -9.92 19.48 -3.47
C GLN B 80 -8.64 18.66 -3.34
N ASP B 81 -7.49 19.35 -3.42
CA ASP B 81 -6.18 18.70 -3.27
C ASP B 81 -5.92 18.39 -1.81
N TYR B 82 -4.96 17.50 -1.58
CA TYR B 82 -4.58 17.07 -0.23
C TYR B 82 -3.14 16.62 -0.21
N LEU B 83 -2.61 16.38 0.99
CA LEU B 83 -1.24 15.94 1.15
C LEU B 83 -1.28 14.47 1.43
N GLU B 84 -0.41 13.73 0.75
CA GLU B 84 -0.25 12.31 1.03
C GLU B 84 0.85 12.22 2.06
N LEU B 85 0.54 11.54 3.15
CA LEU B 85 1.53 11.33 4.20
C LEU B 85 1.91 9.84 4.17
N TRP B 86 3.21 9.57 4.17
CA TRP B 86 3.66 8.19 4.11
C TRP B 86 5.06 7.96 4.66
N LYS B 87 5.41 6.65 4.86
CA LYS B 87 6.74 6.26 5.41
C LYS B 87 6.94 6.86 6.78
N LEU B 88 5.88 7.32 7.45
CA LEU B 88 6.02 7.88 8.78
C LEU B 88 6.45 6.77 9.71
N GLU B 89 7.46 7.06 10.55
CA GLU B 89 8.08 6.04 11.39
C GLU B 89 9.06 6.65 12.42
N VAL B 90 9.20 5.97 13.56
CA VAL B 90 10.11 6.39 14.62
C VAL B 90 10.95 5.18 15.00
N LEU B 91 12.24 5.39 15.22
CA LEU B 91 13.14 4.26 15.57
C LEU B 91 12.87 3.72 16.96
N PRO B 92 13.10 2.40 17.15
CA PRO B 92 12.92 1.83 18.49
C PRO B 92 13.81 2.52 19.51
N GLY B 93 13.30 2.62 20.74
CA GLY B 93 13.98 3.35 21.80
C GLY B 93 13.50 4.79 21.86
N TYR B 94 12.80 5.23 20.82
CA TYR B 94 12.30 6.60 20.73
C TYR B 94 10.79 6.65 20.54
N GLN B 95 10.16 5.49 20.45
CA GLN B 95 8.71 5.44 20.27
C GLN B 95 7.98 5.99 21.51
N ASN B 96 6.77 6.52 21.31
CA ASN B 96 5.89 6.98 22.39
C ASN B 96 6.46 8.12 23.21
N ARG B 97 7.24 8.96 22.55
CA ARG B 97 7.81 10.15 23.21
C ARG B 97 7.30 11.44 22.55
N GLY B 98 6.39 11.31 21.60
CA GLY B 98 5.82 12.46 20.94
C GLY B 98 6.31 12.77 19.53
N TYR B 99 7.42 12.17 19.11
CA TYR B 99 8.02 12.47 17.80
C TYR B 99 7.04 12.24 16.68
N GLY B 100 6.40 11.07 16.70
CA GLY B 100 5.44 10.67 15.67
C GLY B 100 4.35 11.72 15.57
N ARG B 101 3.76 12.06 16.71
CA ARG B 101 2.72 13.10 16.76
C ARG B 101 3.25 14.42 16.20
N ALA B 102 4.43 14.83 16.67
CA ALA B 102 5.07 16.05 16.24
C ALA B 102 5.07 16.23 14.73
N LEU B 103 5.32 15.13 14.01
CA LEU B 103 5.35 15.13 12.57
C LEU B 103 3.95 15.23 12.00
N VAL B 104 3.05 14.38 12.47
CA VAL B 104 1.66 14.44 12.04
C VAL B 104 1.12 15.87 12.27
N GLU B 105 1.53 16.49 13.37
CA GLU B 105 1.01 17.81 13.69
C GLU B 105 1.64 18.87 12.81
N PHE B 106 2.89 18.66 12.41
CA PHE B 106 3.53 19.54 11.45
C PHE B 106 2.76 19.48 10.14
N ALA B 107 2.48 18.27 9.66
CA ALA B 107 1.67 18.09 8.46
C ALA B 107 0.35 18.85 8.59
N LYS B 108 -0.39 18.58 9.66
CA LYS B 108 -1.67 19.27 9.97
C LYS B 108 -1.62 20.81 10.02
N SER B 109 -0.43 21.34 10.29
CA SER B 109 -0.25 22.77 10.51
C SER B 109 -0.52 23.62 9.26
N PHE B 110 -0.51 22.98 8.10
CA PHE B 110 -0.75 23.68 6.85
C PHE B 110 -2.21 23.83 6.51
N LYS B 111 -3.08 23.28 7.35
CA LYS B 111 -4.53 23.32 7.18
C LYS B 111 -5.06 22.72 5.88
N MET B 112 -4.37 21.73 5.35
CA MET B 112 -4.87 21.00 4.19
C MET B 112 -5.33 19.62 4.61
N PRO B 113 -6.26 19.00 3.85
CA PRO B 113 -6.67 17.65 4.18
C PRO B 113 -5.48 16.69 4.01
N ILE B 114 -5.47 15.59 4.75
CA ILE B 114 -4.35 14.66 4.67
C ILE B 114 -4.87 13.25 4.46
N ARG B 115 -4.18 12.51 3.61
CA ARG B 115 -4.52 11.12 3.39
C ARG B 115 -3.28 10.35 3.67
N THR B 116 -3.45 9.21 4.34
CA THR B 116 -2.35 8.31 4.61
C THR B 116 -2.80 6.85 4.57
N ASN B 117 -1.92 5.95 4.12
CA ASN B 117 -2.22 4.52 4.16
C ASN B 117 -1.39 3.92 5.28
N PRO B 118 -2.00 3.64 6.43
CA PRO B 118 -1.29 3.27 7.64
C PRO B 118 -0.74 1.86 7.66
N ARG B 119 0.09 1.59 8.65
CA ARG B 119 0.68 0.29 8.84
C ARG B 119 -0.25 -0.51 9.75
N MET B 120 -0.29 -1.83 9.56
CA MET B 120 -1.14 -2.76 10.36
C MET B 120 -1.43 -2.32 11.79
N LYS B 121 -0.53 -2.68 12.69
CA LYS B 121 -0.70 -2.49 14.11
C LYS B 121 -0.81 -1.03 14.55
N SER B 122 -0.45 -0.07 13.69
CA SER B 122 -0.43 1.35 14.07
C SER B 122 -1.81 2.04 14.11
N ALA B 123 -2.88 1.25 13.99
CA ALA B 123 -4.26 1.76 14.01
C ALA B 123 -4.58 2.69 15.18
N GLU B 124 -4.15 2.29 16.37
CA GLU B 124 -4.46 2.98 17.60
C GLU B 124 -3.84 4.37 17.73
N PHE B 125 -2.67 4.56 17.14
CA PHE B 125 -2.00 5.86 17.13
C PHE B 125 -2.73 6.83 16.24
N TRP B 126 -3.17 6.35 15.07
CA TRP B 126 -3.82 7.22 14.11
C TRP B 126 -5.13 7.72 14.68
N ASN B 127 -5.80 6.86 15.42
CA ASN B 127 -7.06 7.19 16.06
C ASN B 127 -6.81 8.36 17.01
N LYS B 128 -5.66 8.36 17.67
CA LYS B 128 -5.31 9.46 18.56
C LYS B 128 -5.00 10.73 17.80
N MET B 129 -4.68 10.63 16.51
CA MET B 129 -4.44 11.81 15.69
C MET B 129 -5.73 12.26 14.98
N ASN B 130 -6.86 11.70 15.40
CA ASN B 130 -8.16 11.96 14.76
C ASN B 130 -8.17 11.75 13.25
N PHE B 131 -7.49 10.72 12.76
CA PHE B 131 -7.68 10.34 11.38
C PHE B 131 -8.87 9.38 11.34
N LYS B 132 -9.61 9.39 10.24
CA LYS B 132 -10.80 8.56 10.11
C LYS B 132 -10.71 7.60 8.93
N THR B 133 -11.41 6.48 9.02
CA THR B 133 -11.41 5.49 7.95
C THR B 133 -12.36 5.90 6.86
N VAL B 134 -11.91 5.84 5.63
CA VAL B 134 -12.77 6.15 4.49
C VAL B 134 -13.75 5.02 4.30
N LYS B 135 -14.96 5.36 3.84
CA LYS B 135 -15.97 4.37 3.52
C LYS B 135 -15.41 3.69 2.26
N TYR B 136 -15.04 2.41 2.38
CA TYR B 136 -14.29 1.70 1.33
C TYR B 136 -14.86 1.69 -0.08
N ASP B 137 -14.06 2.14 -1.05
CA ASP B 137 -14.46 2.14 -2.46
C ASP B 137 -13.48 1.27 -3.27
N MET B 138 -13.89 0.05 -3.59
CA MET B 138 -13.01 -0.95 -4.23
C MET B 138 -12.23 -0.46 -5.44
N ALA B 139 -12.90 0.20 -6.38
CA ALA B 139 -12.25 0.75 -7.59
C ALA B 139 -11.17 1.76 -7.22
N ARG B 140 -11.49 2.64 -6.27
CA ARG B 140 -10.57 3.68 -5.77
C ARG B 140 -9.46 3.16 -4.85
N ASP B 141 -9.80 2.27 -3.91
CA ASP B 141 -8.88 1.87 -2.84
C ASP B 141 -8.03 0.62 -3.08
N LYS B 142 -8.66 -0.47 -3.52
CA LYS B 142 -8.00 -1.76 -3.82
C LYS B 142 -7.05 -2.28 -2.74
N GLY B 143 -7.58 -2.74 -1.62
CA GLY B 143 -6.66 -3.27 -0.59
C GLY B 143 -5.64 -2.28 -0.03
N GLU B 144 -5.98 -0.98 -0.14
CA GLU B 144 -5.35 0.02 0.66
C GLU B 144 -6.38 0.12 1.75
N ASP B 145 -6.02 0.72 2.89
CA ASP B 145 -6.98 0.93 3.97
C ASP B 145 -6.77 2.36 4.33
N PRO B 146 -7.25 3.26 3.47
CA PRO B 146 -6.94 4.68 3.65
C PRO B 146 -7.53 5.34 4.90
N LEU B 147 -6.74 6.27 5.47
CA LEU B 147 -7.14 7.15 6.58
C LEU B 147 -7.08 8.61 6.12
N ILE B 148 -8.09 9.40 6.48
CA ILE B 148 -8.12 10.80 6.08
C ILE B 148 -8.29 11.79 7.25
N TRP B 149 -7.59 12.92 7.18
CA TRP B 149 -7.85 13.98 8.14
C TRP B 149 -8.13 15.27 7.42
N HIS B 150 -9.01 16.09 8.00
CA HIS B 150 -9.22 17.44 7.49
C HIS B 150 -9.51 18.39 8.64
N PRO B 151 -9.06 19.64 8.54
CA PRO B 151 -9.30 20.57 9.64
C PRO B 151 -10.79 20.88 9.80
N ASP B 152 -11.26 20.98 11.03
CA ASP B 152 -12.65 21.33 11.26
C ASP B 152 -12.79 22.83 11.54
N MET B 153 -13.15 23.58 10.48
CA MET B 153 -13.32 25.04 10.55
C MET B 153 -14.50 25.46 11.40
C1 GLC C . -15.23 -26.24 -1.52
C2 GLC C . -15.89 -25.74 -0.22
C3 GLC C . -17.35 -25.34 -0.42
C4 GLC C . -17.59 -24.54 -1.69
C5 GLC C . -16.87 -25.16 -2.89
C6 GLC C . -16.98 -24.34 -4.17
O2 GLC C . -15.85 -26.78 0.73
O3 GLC C . -17.76 -24.57 0.68
O4 GLC C . -18.97 -24.52 -1.93
O5 GLC C . -15.49 -25.34 -2.58
O6 GLC C . -17.95 -23.31 -4.08
C1 FRU C . -13.26 -27.92 -2.13
C2 FRU C . -14.66 -28.54 -2.04
C3 FRU C . -14.69 -29.59 -0.92
C4 FRU C . -14.84 -30.95 -1.59
C5 FRU C . -14.88 -30.65 -3.09
C6 FRU C . -16.07 -31.33 -3.80
O1 FRU C . -12.94 -27.58 -3.47
O2 FRU C . -15.67 -27.55 -1.85
O3 FRU C . -15.76 -29.38 -0.01
O4 FRU C . -13.75 -31.78 -1.28
O5 FRU C . -14.94 -29.25 -3.25
O6 FRU C . -17.28 -31.12 -3.08
C1 GLC D . 20.98 19.05 10.20
C2 GLC D . 20.22 18.99 11.51
C3 GLC D . 21.17 18.64 12.65
C4 GLC D . 21.91 17.34 12.36
C5 GLC D . 22.48 17.30 10.93
C6 GLC D . 22.92 15.88 10.55
O2 GLC D . 19.63 20.24 11.78
O3 GLC D . 20.46 18.53 13.86
O4 GLC D . 22.97 17.24 13.28
O5 GLC D . 21.58 17.79 9.94
O6 GLC D . 23.25 15.78 9.18
C1 FRU D . 24.04 19.83 9.16
C2 FRU D . 22.73 20.63 9.29
C3 FRU D . 22.06 20.80 7.91
C4 FRU D . 21.68 22.27 7.79
C5 FRU D . 22.22 22.94 9.05
C6 FRU D . 21.12 23.47 9.96
O1 FRU D . 25.13 20.65 8.80
O2 FRU D . 21.93 20.11 10.34
O3 FRU D . 20.93 19.99 7.74
O4 FRU D . 22.29 22.85 6.66
O5 FRU D . 23.03 21.97 9.71
O6 FRU D . 20.67 24.73 9.51
S SO4 E . -10.81 2.72 -12.83
O1 SO4 E . -10.97 3.96 -13.60
O2 SO4 E . -11.66 2.80 -11.64
O3 SO4 E . -9.41 2.55 -12.46
O4 SO4 E . -11.20 1.57 -13.64
N1A COA F . 11.10 -16.79 0.37
C2A COA F . 11.82 -17.15 -0.76
N3A COA F . 11.20 -17.88 -1.76
C4A COA F . 9.88 -18.25 -1.64
C5A COA F . 9.16 -17.90 -0.51
C6A COA F . 9.77 -17.16 0.50
N6A COA F . 9.00 -16.46 1.32
N7A COA F . 7.91 -18.39 -0.64
C8A COA F . 7.82 -19.04 -1.83
N9A COA F . 9.04 -18.97 -2.47
C1B COA F . 9.46 -19.85 -3.59
C2B COA F . 9.11 -21.29 -3.24
O2B COA F . 10.27 -22.01 -2.91
C3B COA F . 8.34 -21.83 -4.44
O3B COA F . 8.92 -22.95 -5.10
P3B COA F . 10.07 -22.90 -6.27
O7A COA F . 10.96 -24.08 -6.02
O8A COA F . 10.90 -21.64 -6.25
O9A COA F . 9.43 -23.08 -7.62
C4B COA F . 8.13 -20.63 -5.36
O4B COA F . 8.79 -19.51 -4.79
C5B COA F . 6.63 -20.39 -5.51
O5B COA F . 6.11 -20.20 -4.22
P1A COA F . 4.82 -20.96 -3.66
O1A COA F . 5.05 -22.44 -3.45
O2A COA F . 3.63 -20.73 -4.57
O3A COA F . 4.67 -20.19 -2.26
P2A COA F . 3.25 -19.99 -1.55
O4A COA F . 2.26 -19.52 -2.56
O5A COA F . 2.76 -21.27 -0.92
O6A COA F . 3.55 -18.75 -0.58
CBP COA F . 3.15 -16.36 -0.27
CCP COA F . 3.78 -17.47 -1.12
CDP COA F . 4.13 -15.19 -0.26
CEP COA F . 1.88 -15.89 -0.94
CAP COA F . 2.81 -16.88 1.14
OAP COA F . 3.89 -17.53 1.78
C9P COA F . 2.16 -15.95 2.11
O9P COA F . 0.76 -15.97 2.23
N8P COA F . 2.92 -15.12 2.83
C7P COA F . 2.88 -15.10 4.29
C6P COA F . 3.40 -13.80 4.91
C5P COA F . 4.72 -13.35 4.31
O5P COA F . 4.76 -12.42 3.46
N4P COA F . 5.81 -13.98 4.74
C3P COA F . 6.82 -14.49 3.81
C2P COA F . 7.86 -15.37 4.50
S1P COA F . 7.10 -16.77 5.37
CO CO G . -11.27 14.53 9.99
CO CO H . 10.06 24.93 14.15
S SO4 I . -7.57 17.97 15.12
O1 SO4 I . -6.11 18.11 15.12
O2 SO4 I . -7.96 16.68 14.53
O3 SO4 I . -8.15 19.03 14.30
O4 SO4 I . -8.05 18.02 16.50
N1A COA J . -0.70 1.68 20.74
C2A COA J . -1.42 2.58 21.51
N3A COA J . -1.09 3.92 21.55
C4A COA J . -0.03 4.35 20.82
C5A COA J . 0.72 3.48 20.02
C6A COA J . 0.38 2.14 20.00
N6A COA J . 1.07 1.30 19.23
N7A COA J . 1.70 4.18 19.42
C8A COA J . 1.58 5.48 19.79
N9A COA J . 0.52 5.59 20.66
C1B COA J . 0.00 6.79 21.32
C2B COA J . 0.85 7.07 22.52
O2B COA J . 0.42 6.20 23.54
C3B COA J . 0.53 8.53 22.76
O3B COA J . -0.72 8.64 23.38
P3B COA J . -1.04 9.85 24.38
O7A COA J . -0.23 9.62 25.64
O8A COA J . -2.51 9.77 24.67
O9A COA J . -0.67 11.19 23.81
C4B COA J . 0.26 9.07 21.39
O4B COA J . 0.07 7.96 20.54
C5B COA J . 1.44 9.91 20.92
O5B COA J . 2.09 9.17 19.93
P1A COA J . 3.68 9.31 19.81
O1A COA J . 4.28 9.51 21.17
O2A COA J . 4.00 10.47 18.88
O3A COA J . 4.08 7.86 19.27
P2A COA J . 5.16 7.56 18.13
O4A COA J . 6.06 8.73 17.87
O5A COA J . 5.92 6.32 18.50
O6A COA J . 4.24 7.25 16.86
CBP COA J . 4.69 5.50 15.23
CCP COA J . 4.87 6.95 15.63
CDP COA J . 3.32 5.01 15.68
CEP COA J . 4.74 5.48 13.71
CAP COA J . 5.84 4.72 15.86
OAP COA J . 5.47 4.15 17.11
C9P COA J . 6.55 3.74 14.97
O9P COA J . 7.33 4.21 13.90
N8P COA J . 6.45 2.45 15.23
C7P COA J . 6.51 1.48 14.15
C6P COA J . 6.12 0.08 14.65
C5P COA J . 4.61 -0.07 14.65
O5P COA J . 3.94 0.17 13.62
N4P COA J . 4.06 -0.50 15.79
C3P COA J . 3.32 0.37 16.69
C2P COA J . 4.15 0.83 17.89
S1P COA J . 4.90 -0.58 18.76
#